data_1TI8
#
_entry.id   1TI8
#
_cell.length_a   118.200
_cell.length_b   118.200
_cell.length_c   298.700
_cell.angle_alpha   90.00
_cell.angle_beta   90.00
_cell.angle_gamma   120.00
#
_symmetry.space_group_name_H-M   'H 3 2'
#
loop_
_entity.id
_entity.type
_entity.pdbx_description
1 polymer hemagglutinin
2 polymer hemagglutinin
3 non-polymer 2-acetamido-2-deoxy-alpha-D-glucopyranose
4 non-polymer alpha-D-mannopyranose
5 non-polymer 2-acetamido-2-deoxy-beta-D-glucopyranose
6 water water
#
loop_
_entity_poly.entity_id
_entity_poly.type
_entity_poly.pdbx_seq_one_letter_code
_entity_poly.pdbx_strand_id
1 'polypeptide(L)'
;ICLGHHAVSNGTKVNTLTERGVEVVNATETVERTNVPRICSKGKRTVDLGQCGLLGTITGPPQCDQFLEFSADLIIERRE
GSDVCYPGKFVNEEALRQILRESGGIDKETMGFTYSGIRTNGATSACRRSGSSFYAEMKWLLSNTDNAAFPQMTKSYKNT
RKDPALIIWGIHHSGSTTEQTKLYGSGNKLITVGSSNYQQSFVPSPGARPQVNGQSGRIDFHWLMLNPNDTVTFSFNGAF
IAPDRASFLRGKSMGIQSSVQVDANCEGDCYHSGGTIISNLPFQNINSRAVGKCPRYVKQESLMLATGMKNVPE
;
A
2 'polypeptide(L)'
;GLFGAIAGFIENGWEGLIDGWYGFRHQNAQGEGTAADYKSTQSAIDQITGKLNRLIEKTNQQFELIDNEFTEVEKQIGNV
INWTRDSMTEVWSYNAELLVAMENQHTIDLTDSEMNKLYERVKRQLRENAEEDGTGCFEIFHKCDDDCMASIRNNTYDHS
RYREEAMQNRIQ
;
B
#
loop_
_chem_comp.id
_chem_comp.type
_chem_comp.name
_chem_comp.formula
MAN D-saccharide, alpha linking alpha-D-mannopyranose 'C6 H12 O6'
NAG D-saccharide, beta linking 2-acetamido-2-deoxy-beta-D-glucopyranose 'C8 H15 N O6'
NDG D-saccharide, alpha linking 2-acetamido-2-deoxy-alpha-D-glucopyranose 'C8 H15 N O6'
#
# COMPACT_ATOMS: atom_id res chain seq x y z
N ILE A 1 -3.78 52.70 -19.62
CA ILE A 1 -4.07 51.31 -19.14
C ILE A 1 -2.83 50.42 -19.02
N CYS A 2 -2.78 49.62 -17.95
CA CYS A 2 -1.68 48.69 -17.72
C CYS A 2 -2.27 47.32 -17.43
N LEU A 3 -1.48 46.28 -17.63
CA LEU A 3 -1.96 44.93 -17.35
C LEU A 3 -0.90 44.16 -16.58
N GLY A 4 -1.32 43.51 -15.51
CA GLY A 4 -0.39 42.75 -14.70
C GLY A 4 -0.97 41.46 -14.19
N HIS A 5 -0.43 40.96 -13.08
CA HIS A 5 -0.88 39.71 -12.50
C HIS A 5 -0.90 39.85 -10.98
N HIS A 6 -1.47 38.87 -10.29
CA HIS A 6 -1.58 38.94 -8.84
C HIS A 6 -0.32 38.57 -8.07
N ALA A 7 -0.44 38.64 -6.74
CA ALA A 7 0.67 38.32 -5.84
C ALA A 7 0.21 38.47 -4.40
N VAL A 8 0.82 37.71 -3.49
CA VAL A 8 0.47 37.78 -2.08
C VAL A 8 1.69 38.19 -1.27
N SER A 9 1.46 38.59 -0.02
CA SER A 9 2.56 39.02 0.85
C SER A 9 3.48 37.85 1.22
N ASN A 10 2.90 36.75 1.68
CA ASN A 10 3.68 35.58 2.05
C ASN A 10 3.39 34.43 1.08
N GLY A 11 4.32 34.21 0.15
CA GLY A 11 4.15 33.15 -0.81
C GLY A 11 4.51 31.81 -0.20
N THR A 12 4.76 30.81 -1.04
CA THR A 12 5.12 29.49 -0.57
C THR A 12 6.33 29.00 -1.34
N LYS A 13 7.33 28.53 -0.61
CA LYS A 13 8.58 28.06 -1.20
C LYS A 13 8.47 26.67 -1.85
N VAL A 14 9.10 26.53 -3.01
CA VAL A 14 9.11 25.25 -3.72
C VAL A 14 10.47 25.07 -4.40
N ASN A 15 10.68 23.94 -5.07
CA ASN A 15 11.95 23.69 -5.74
C ASN A 15 11.73 23.55 -7.22
N THR A 16 12.52 24.25 -8.01
CA THR A 16 12.41 24.19 -9.45
C THR A 16 13.53 23.31 -9.99
N LEU A 17 13.65 23.29 -11.31
CA LEU A 17 14.67 22.49 -11.96
C LEU A 17 15.96 23.33 -11.94
N THR A 18 15.79 24.65 -11.84
CA THR A 18 16.90 25.61 -11.85
C THR A 18 17.19 26.33 -10.53
N GLU A 19 16.17 26.51 -9.71
CA GLU A 19 16.33 27.19 -8.43
C GLU A 19 16.00 26.27 -7.27
N ARG A 20 16.01 26.84 -6.07
CA ARG A 20 15.69 26.11 -4.86
C ARG A 20 15.06 27.08 -3.88
N GLY A 21 13.86 26.74 -3.42
CA GLY A 21 13.16 27.59 -2.49
C GLY A 21 12.64 28.87 -3.12
N VAL A 22 11.95 28.74 -4.26
CA VAL A 22 11.40 29.92 -4.90
C VAL A 22 9.98 30.08 -4.40
N GLU A 23 9.60 31.33 -4.19
CA GLU A 23 8.25 31.60 -3.73
C GLU A 23 7.32 31.64 -4.92
N VAL A 24 6.24 30.87 -4.83
CA VAL A 24 5.21 30.86 -5.87
C VAL A 24 4.01 31.40 -5.12
N VAL A 25 2.96 31.77 -5.84
CA VAL A 25 1.78 32.29 -5.17
C VAL A 25 1.07 31.25 -4.33
N ASN A 26 1.28 29.97 -4.64
CA ASN A 26 0.62 28.92 -3.89
C ASN A 26 0.95 27.48 -4.32
N ALA A 27 1.22 26.62 -3.36
CA ALA A 27 1.57 25.22 -3.63
C ALA A 27 0.71 24.23 -2.85
N THR A 28 1.05 22.94 -2.96
CA THR A 28 0.29 21.91 -2.28
C THR A 28 1.14 20.65 -2.09
N GLU A 29 1.00 19.99 -0.93
CA GLU A 29 1.80 18.81 -0.66
C GLU A 29 1.67 17.77 -1.73
N THR A 30 2.52 16.73 -1.63
CA THR A 30 2.59 15.65 -2.59
C THR A 30 2.98 14.34 -1.91
N VAL A 31 3.54 14.46 -0.72
CA VAL A 31 3.97 13.33 0.09
C VAL A 31 3.12 13.26 1.35
N GLU A 32 2.23 12.28 1.40
CA GLU A 32 1.34 12.10 2.53
C GLU A 32 2.13 11.81 3.79
N ARG A 33 1.73 12.42 4.90
CA ARG A 33 2.38 12.20 6.19
C ARG A 33 1.33 11.88 7.26
N THR A 34 0.08 12.21 6.98
CA THR A 34 -0.99 11.95 7.94
C THR A 34 -1.29 10.47 8.01
N ASN A 35 -1.42 9.94 9.22
CA ASN A 35 -1.73 8.53 9.41
C ASN A 35 -2.98 8.38 10.26
N VAL A 36 -3.76 7.34 10.01
CA VAL A 36 -4.95 7.10 10.80
C VAL A 36 -4.63 5.87 11.64
N PRO A 37 -4.44 6.04 12.95
CA PRO A 37 -4.12 4.96 13.90
C PRO A 37 -5.17 3.90 14.10
N ARG A 38 -5.83 3.48 13.04
CA ARG A 38 -6.86 2.44 13.15
C ARG A 38 -6.93 1.67 11.83
N ILE A 39 -7.50 0.47 11.86
CA ILE A 39 -7.61 -0.31 10.64
C ILE A 39 -8.97 -0.05 10.00
N CYS A 40 -9.03 0.96 9.14
CA CYS A 40 -10.27 1.32 8.46
C CYS A 40 -10.84 0.15 7.66
N SER A 41 -11.79 -0.57 8.25
CA SER A 41 -12.37 -1.74 7.64
C SER A 41 -13.80 -1.61 7.10
N LYS A 42 -14.33 -0.39 7.03
CA LYS A 42 -15.69 -0.22 6.53
C LYS A 42 -15.92 -0.95 5.21
N GLY A 43 -16.99 -1.73 5.16
CA GLY A 43 -17.34 -2.46 3.96
C GLY A 43 -16.58 -3.74 3.68
N LYS A 44 -15.49 -3.96 4.40
CA LYS A 44 -14.70 -5.16 4.19
C LYS A 44 -15.01 -6.25 5.18
N ARG A 45 -15.03 -7.50 4.73
CA ARG A 45 -15.31 -8.61 5.62
C ARG A 45 -14.01 -8.85 6.40
N THR A 46 -13.99 -8.43 7.66
CA THR A 46 -12.79 -8.57 8.48
C THR A 46 -12.73 -9.71 9.47
N VAL A 47 -11.52 -10.18 9.75
CA VAL A 47 -11.33 -11.27 10.69
C VAL A 47 -10.01 -11.02 11.42
N ASP A 48 -10.12 -10.62 12.67
CA ASP A 48 -8.96 -10.34 13.47
C ASP A 48 -8.60 -11.62 14.19
N LEU A 49 -7.59 -12.32 13.67
CA LEU A 49 -7.11 -13.58 14.23
C LEU A 49 -6.82 -13.54 15.72
N GLY A 50 -6.54 -12.36 16.25
CA GLY A 50 -6.28 -12.23 17.67
C GLY A 50 -5.17 -13.09 18.27
N GLN A 51 -5.56 -14.01 19.15
CA GLN A 51 -4.59 -14.88 19.81
C GLN A 51 -4.34 -16.10 18.99
N CYS A 52 -5.02 -16.19 17.85
CA CYS A 52 -4.85 -17.32 16.97
C CYS A 52 -3.78 -17.01 15.93
N GLY A 53 -2.89 -17.97 15.68
CA GLY A 53 -1.84 -17.75 14.70
C GLY A 53 -2.34 -18.11 13.31
N LEU A 54 -2.19 -17.21 12.34
CA LEU A 54 -2.66 -17.49 10.99
C LEU A 54 -2.44 -18.92 10.57
N LEU A 55 -1.29 -19.48 10.88
CA LEU A 55 -1.01 -20.87 10.50
C LEU A 55 -1.83 -21.82 11.37
N GLY A 56 -2.08 -21.43 12.62
CA GLY A 56 -2.85 -22.24 13.53
C GLY A 56 -4.27 -22.49 13.04
N THR A 57 -4.73 -21.69 12.08
CA THR A 57 -6.07 -21.87 11.57
C THR A 57 -6.12 -23.10 10.71
N ILE A 58 -4.95 -23.63 10.34
CA ILE A 58 -4.92 -24.83 9.51
C ILE A 58 -4.76 -26.13 10.33
N THR A 59 -4.02 -26.06 11.43
CA THR A 59 -3.81 -27.22 12.27
C THR A 59 -4.93 -27.42 13.28
N GLY A 60 -5.23 -26.38 14.05
CA GLY A 60 -6.31 -26.50 15.01
C GLY A 60 -5.95 -26.41 16.47
N PRO A 61 -5.17 -25.41 16.89
CA PRO A 61 -4.83 -25.31 18.32
C PRO A 61 -5.99 -24.63 19.04
N PRO A 62 -6.10 -24.81 20.36
CA PRO A 62 -7.18 -24.17 21.10
C PRO A 62 -7.44 -22.72 20.75
N GLN A 63 -6.39 -21.92 20.61
CA GLN A 63 -6.60 -20.50 20.29
C GLN A 63 -7.38 -20.28 19.02
N CYS A 64 -7.44 -21.31 18.18
CA CYS A 64 -8.09 -21.15 16.89
C CYS A 64 -9.38 -21.92 16.63
N ASP A 65 -10.00 -22.48 17.65
CA ASP A 65 -11.23 -23.23 17.41
C ASP A 65 -12.25 -22.39 16.66
N GLN A 66 -12.25 -21.09 16.94
CA GLN A 66 -13.16 -20.17 16.30
C GLN A 66 -12.76 -19.73 14.89
N PHE A 67 -11.60 -20.17 14.39
CA PHE A 67 -11.15 -19.77 13.05
C PHE A 67 -10.78 -20.89 12.08
N LEU A 68 -11.17 -22.14 12.38
CA LEU A 68 -10.85 -23.28 11.51
C LEU A 68 -11.42 -23.19 10.10
N GLU A 69 -12.44 -22.35 9.92
CA GLU A 69 -13.06 -22.15 8.61
C GLU A 69 -13.55 -20.71 8.62
N PHE A 70 -12.80 -19.80 8.04
CA PHE A 70 -13.25 -18.42 8.05
C PHE A 70 -13.30 -17.83 6.66
N SER A 71 -14.15 -16.83 6.49
CA SER A 71 -14.28 -16.15 5.22
C SER A 71 -13.88 -14.71 5.48
N ALA A 72 -13.20 -14.07 4.55
CA ALA A 72 -12.77 -12.70 4.78
C ALA A 72 -12.23 -11.93 3.58
N ASP A 73 -12.13 -10.62 3.77
CA ASP A 73 -11.59 -9.72 2.76
C ASP A 73 -10.27 -9.20 3.31
N LEU A 74 -10.25 -9.05 4.63
CA LEU A 74 -9.10 -8.54 5.32
C LEU A 74 -8.82 -9.44 6.49
N ILE A 75 -7.62 -10.03 6.54
CA ILE A 75 -7.26 -10.89 7.65
C ILE A 75 -6.32 -10.06 8.50
N ILE A 76 -6.20 -10.37 9.77
CA ILE A 76 -5.31 -9.58 10.61
C ILE A 76 -4.55 -10.44 11.62
N GLU A 77 -3.22 -10.31 11.62
CA GLU A 77 -2.41 -11.06 12.56
C GLU A 77 -2.03 -10.12 13.67
N ARG A 78 -2.02 -10.66 14.89
CA ARG A 78 -1.65 -9.87 16.05
C ARG A 78 -0.36 -10.46 16.60
N ARG A 79 0.48 -9.61 17.19
CA ARG A 79 1.74 -10.07 17.74
C ARG A 79 1.50 -11.14 18.79
N GLU A 80 0.33 -11.11 19.41
CA GLU A 80 0.01 -12.10 20.44
C GLU A 80 -0.43 -13.41 19.81
N GLY A 81 -0.54 -13.43 18.49
CA GLY A 81 -0.96 -14.64 17.81
C GLY A 81 0.05 -15.76 17.92
N SER A 82 -0.45 -16.99 18.01
CA SER A 82 0.40 -18.19 18.08
C SER A 82 -0.24 -19.32 17.30
N ASP A 83 0.54 -20.04 16.49
CA ASP A 83 -0.05 -21.15 15.72
C ASP A 83 0.36 -22.44 16.37
N VAL A 84 0.60 -22.42 17.67
CA VAL A 84 1.06 -23.65 18.28
C VAL A 84 0.42 -24.11 19.58
N CYS A 85 0.58 -25.39 19.83
CA CYS A 85 0.08 -26.10 21.00
C CYS A 85 1.26 -26.78 21.69
N TYR A 86 1.61 -27.92 21.12
CA TYR A 86 2.74 -28.72 21.58
C TYR A 86 3.91 -27.89 21.08
N PRO A 87 4.98 -27.79 21.86
CA PRO A 87 6.09 -26.97 21.34
C PRO A 87 6.45 -27.46 19.95
N GLY A 88 6.89 -26.57 19.08
CA GLY A 88 7.24 -27.00 17.74
C GLY A 88 7.35 -25.87 16.75
N LYS A 89 7.41 -26.21 15.46
CA LYS A 89 7.53 -25.19 14.43
C LYS A 89 6.90 -25.64 13.13
N PHE A 90 6.67 -24.68 12.26
CA PHE A 90 6.07 -24.94 10.97
C PHE A 90 7.16 -24.72 9.94
N VAL A 91 7.58 -25.80 9.31
CA VAL A 91 8.63 -25.75 8.29
C VAL A 91 8.19 -24.94 7.09
N ASN A 92 9.02 -23.97 6.71
CA ASN A 92 8.71 -23.12 5.59
C ASN A 92 7.39 -22.43 5.89
N GLU A 93 7.35 -21.73 7.03
CA GLU A 93 6.16 -21.04 7.49
C GLU A 93 5.73 -19.76 6.74
N GLU A 94 6.60 -18.77 6.67
CA GLU A 94 6.26 -17.51 5.99
C GLU A 94 5.63 -17.68 4.61
N ALA A 95 5.98 -18.76 3.92
CA ALA A 95 5.43 -19.01 2.60
C ALA A 95 3.94 -19.29 2.77
N LEU A 96 3.64 -20.15 3.75
CA LEU A 96 2.27 -20.54 4.05
C LEU A 96 1.46 -19.32 4.48
N ARG A 97 2.09 -18.43 5.24
CA ARG A 97 1.41 -17.23 5.67
C ARG A 97 1.08 -16.38 4.47
N GLN A 98 2.03 -16.25 3.55
CA GLN A 98 1.79 -15.46 2.36
C GLN A 98 0.61 -16.01 1.55
N ILE A 99 0.45 -17.32 1.51
CA ILE A 99 -0.66 -17.92 0.77
C ILE A 99 -1.98 -17.68 1.49
N LEU A 100 -2.10 -18.15 2.71
CA LEU A 100 -3.32 -17.96 3.47
C LEU A 100 -3.70 -16.49 3.58
N ARG A 101 -2.73 -15.59 3.62
CA ARG A 101 -3.06 -14.18 3.74
C ARG A 101 -3.95 -13.66 2.63
N GLU A 102 -3.90 -14.30 1.47
CA GLU A 102 -4.72 -13.83 0.36
C GLU A 102 -5.75 -14.86 -0.05
N SER A 103 -5.82 -15.95 0.70
CA SER A 103 -6.72 -17.05 0.43
C SER A 103 -8.19 -16.68 0.45
N GLY A 104 -8.52 -15.56 1.07
CA GLY A 104 -9.91 -15.17 1.15
C GLY A 104 -10.58 -15.93 2.27
N GLY A 105 -9.87 -16.92 2.80
CA GLY A 105 -10.41 -17.69 3.89
C GLY A 105 -10.22 -19.16 3.57
N ILE A 106 -10.53 -20.04 4.52
CA ILE A 106 -10.37 -21.45 4.26
C ILE A 106 -11.68 -22.21 4.38
N ASP A 107 -11.73 -23.38 3.76
CA ASP A 107 -12.91 -24.23 3.78
C ASP A 107 -12.41 -25.65 3.99
N LYS A 108 -12.80 -26.26 5.10
CA LYS A 108 -12.35 -27.60 5.42
C LYS A 108 -13.22 -28.71 4.83
N GLU A 109 -12.60 -29.88 4.62
CA GLU A 109 -13.24 -31.06 4.07
C GLU A 109 -12.34 -32.22 4.49
N THR A 110 -12.94 -33.23 5.10
CA THR A 110 -12.15 -34.37 5.57
C THR A 110 -11.22 -34.94 4.52
N MET A 111 -10.31 -35.79 4.98
CA MET A 111 -9.33 -36.46 4.13
C MET A 111 -9.90 -37.85 3.83
N GLY A 112 -10.90 -38.25 4.61
CA GLY A 112 -11.50 -39.57 4.45
C GLY A 112 -10.60 -40.66 5.01
N PHE A 113 -9.76 -40.28 5.98
CA PHE A 113 -8.84 -41.22 6.58
C PHE A 113 -9.44 -41.99 7.75
N THR A 114 -9.42 -43.31 7.62
CA THR A 114 -9.91 -44.23 8.65
C THR A 114 -8.70 -45.10 8.98
N TYR A 115 -8.64 -45.69 10.17
CA TYR A 115 -7.48 -46.50 10.53
C TYR A 115 -7.84 -47.84 11.18
N SER A 116 -6.81 -48.67 11.40
CA SER A 116 -6.98 -49.99 12.02
C SER A 116 -5.76 -50.42 12.83
N GLY A 117 -6.00 -51.18 13.90
CA GLY A 117 -4.91 -51.68 14.72
C GLY A 117 -4.14 -50.66 15.53
N ILE A 118 -4.51 -49.39 15.40
CA ILE A 118 -3.84 -48.32 16.13
C ILE A 118 -4.88 -47.47 16.86
N ARG A 119 -4.40 -46.55 17.68
CA ARG A 119 -5.25 -45.64 18.41
C ARG A 119 -5.24 -44.34 17.62
N THR A 120 -6.17 -43.44 17.91
CA THR A 120 -6.20 -42.15 17.22
C THR A 120 -6.40 -41.02 18.22
N ASN A 121 -6.29 -41.35 19.51
CA ASN A 121 -6.44 -40.36 20.58
C ASN A 121 -5.23 -39.45 20.59
N GLY A 122 -4.23 -39.84 21.37
CA GLY A 122 -3.03 -39.02 21.47
C GLY A 122 -3.35 -37.57 21.75
N ALA A 123 -3.43 -37.22 23.03
CA ALA A 123 -3.71 -35.85 23.41
C ALA A 123 -2.55 -35.32 24.24
N THR A 124 -2.70 -34.12 24.79
CA THR A 124 -1.64 -33.55 25.60
C THR A 124 -2.11 -32.32 26.37
N SER A 125 -1.57 -32.17 27.57
CA SER A 125 -1.92 -31.05 28.41
C SER A 125 -1.35 -29.78 27.81
N ALA A 126 -0.43 -29.94 26.85
CA ALA A 126 0.17 -28.77 26.21
C ALA A 126 -0.86 -28.13 25.30
N CYS A 127 -1.76 -28.97 24.81
CA CYS A 127 -2.82 -28.57 23.90
C CYS A 127 -4.13 -28.58 24.71
N ARG A 128 -4.15 -27.83 25.81
CA ARG A 128 -5.31 -27.74 26.73
C ARG A 128 -6.63 -27.36 26.07
N ARG A 129 -7.64 -28.17 26.33
CA ARG A 129 -8.95 -27.92 25.78
C ARG A 129 -9.92 -28.89 26.38
N SER A 130 -11.04 -28.37 26.87
CA SER A 130 -12.07 -29.21 27.48
C SER A 130 -11.41 -30.15 28.48
N GLY A 131 -10.22 -29.78 28.94
CA GLY A 131 -9.49 -30.61 29.89
C GLY A 131 -8.52 -31.58 29.24
N SER A 132 -7.54 -31.07 28.50
CA SER A 132 -6.52 -31.89 27.85
C SER A 132 -6.94 -32.63 26.58
N SER A 133 -6.41 -32.19 25.44
CA SER A 133 -6.71 -32.81 24.14
C SER A 133 -5.57 -32.55 23.14
N PHE A 134 -5.86 -32.69 21.85
CA PHE A 134 -4.86 -32.47 20.82
C PHE A 134 -5.35 -31.40 19.85
N TYR A 135 -4.57 -31.12 18.82
CA TYR A 135 -4.91 -30.10 17.84
C TYR A 135 -6.40 -30.01 17.48
N ALA A 136 -6.78 -30.33 16.25
CA ALA A 136 -8.20 -30.21 15.91
C ALA A 136 -8.48 -30.75 14.52
N GLU A 137 -7.71 -30.27 13.56
CA GLU A 137 -7.85 -30.72 12.18
C GLU A 137 -6.82 -31.82 12.02
N MET A 138 -6.28 -32.25 13.16
CA MET A 138 -5.26 -33.29 13.23
C MET A 138 -5.73 -34.55 13.96
N LYS A 139 -4.86 -35.55 13.95
CA LYS A 139 -5.07 -36.85 14.59
C LYS A 139 -3.71 -37.42 14.91
N TRP A 140 -3.42 -37.56 16.20
CA TRP A 140 -2.15 -38.10 16.61
C TRP A 140 -2.14 -39.63 16.57
N LEU A 141 -2.03 -40.23 15.38
CA LEU A 141 -2.00 -41.69 15.25
C LEU A 141 -1.00 -42.28 16.24
N LEU A 142 -1.49 -43.15 17.11
CA LEU A 142 -0.66 -43.75 18.14
C LEU A 142 -0.69 -45.27 18.11
N SER A 143 0.41 -45.88 18.55
CA SER A 143 0.52 -47.34 18.60
C SER A 143 -0.40 -47.79 19.72
N ASN A 144 -1.30 -48.72 19.43
CA ASN A 144 -2.26 -49.23 20.40
C ASN A 144 -1.75 -49.32 21.84
N THR A 145 -1.06 -50.41 22.15
CA THR A 145 -0.51 -50.63 23.48
C THR A 145 0.91 -50.06 23.56
N ASP A 146 1.41 -49.82 24.77
CA ASP A 146 2.76 -49.27 24.94
C ASP A 146 3.85 -50.14 24.34
N ASN A 147 4.88 -49.51 23.80
CA ASN A 147 6.00 -50.22 23.18
C ASN A 147 5.55 -51.20 22.11
N ALA A 148 4.29 -51.06 21.68
CA ALA A 148 3.73 -51.92 20.66
C ALA A 148 4.51 -51.80 19.37
N ALA A 149 3.80 -51.78 18.24
CA ALA A 149 4.43 -51.67 16.94
C ALA A 149 3.47 -51.09 15.91
N PHE A 150 3.76 -49.87 15.45
CA PHE A 150 2.91 -49.23 14.47
C PHE A 150 3.08 -49.96 13.14
N PRO A 151 1.96 -50.24 12.45
CA PRO A 151 1.95 -50.93 11.16
C PRO A 151 2.50 -50.14 9.97
N GLN A 152 2.69 -50.85 8.86
CA GLN A 152 3.22 -50.31 7.61
C GLN A 152 2.32 -49.25 7.00
N MET A 153 1.23 -48.95 7.69
CA MET A 153 0.25 -47.97 7.26
C MET A 153 0.55 -47.05 6.07
N THR A 154 -0.46 -46.85 5.26
CA THR A 154 -0.42 -45.99 4.09
C THR A 154 -1.80 -45.40 3.93
N LYS A 155 -1.86 -44.10 3.68
CA LYS A 155 -3.11 -43.40 3.48
C LYS A 155 -2.90 -42.49 2.31
N SER A 156 -3.97 -42.26 1.56
CA SER A 156 -3.86 -41.39 0.40
C SER A 156 -5.16 -40.65 0.13
N TYR A 157 -5.02 -39.41 -0.35
CA TYR A 157 -6.16 -38.55 -0.67
C TYR A 157 -6.04 -38.02 -2.09
N LYS A 158 -7.17 -37.62 -2.68
CA LYS A 158 -7.15 -37.07 -4.03
C LYS A 158 -8.00 -35.82 -4.07
N ASN A 159 -7.39 -34.70 -4.45
CA ASN A 159 -8.13 -33.47 -4.56
C ASN A 159 -8.95 -33.59 -5.84
N THR A 160 -10.28 -33.65 -5.69
CA THR A 160 -11.16 -33.79 -6.84
C THR A 160 -11.95 -32.53 -7.09
N ARG A 161 -11.36 -31.39 -6.73
CA ARG A 161 -12.05 -30.13 -6.91
C ARG A 161 -11.29 -29.27 -7.90
N LYS A 162 -11.95 -28.24 -8.41
CA LYS A 162 -11.33 -27.36 -9.41
C LYS A 162 -10.01 -26.77 -8.93
N ASP A 163 -10.04 -26.10 -7.78
CA ASP A 163 -8.85 -25.46 -7.24
C ASP A 163 -7.97 -26.36 -6.38
N PRO A 164 -6.66 -26.08 -6.36
CA PRO A 164 -5.69 -26.86 -5.58
C PRO A 164 -6.04 -26.93 -4.11
N ALA A 165 -5.47 -27.92 -3.41
CA ALA A 165 -5.73 -28.11 -1.99
C ALA A 165 -4.49 -28.00 -1.10
N LEU A 166 -4.65 -27.47 0.11
CA LEU A 166 -3.55 -27.33 1.06
C LEU A 166 -3.59 -28.55 1.97
N ILE A 167 -2.54 -29.36 1.91
CA ILE A 167 -2.45 -30.57 2.72
C ILE A 167 -1.32 -30.46 3.75
N ILE A 168 -1.66 -30.78 5.00
CA ILE A 168 -0.72 -30.70 6.11
C ILE A 168 -0.45 -32.04 6.74
N TRP A 169 0.63 -32.13 7.51
CA TRP A 169 0.98 -33.35 8.21
C TRP A 169 2.14 -33.01 9.11
N GLY A 170 2.19 -33.64 10.27
CA GLY A 170 3.26 -33.34 11.19
C GLY A 170 4.09 -34.55 11.54
N ILE A 171 5.32 -34.29 11.98
CA ILE A 171 6.26 -35.32 12.38
C ILE A 171 6.51 -35.09 13.85
N HIS A 172 6.35 -36.13 14.65
CA HIS A 172 6.58 -35.99 16.08
C HIS A 172 8.02 -36.29 16.44
N HIS A 173 8.60 -35.47 17.30
CA HIS A 173 9.96 -35.64 17.76
C HIS A 173 9.96 -35.88 19.26
N SER A 174 9.84 -37.14 19.66
CA SER A 174 9.82 -37.49 21.07
C SER A 174 11.02 -36.87 21.80
N GLY A 175 10.92 -36.81 23.12
CA GLY A 175 12.01 -36.25 23.91
C GLY A 175 13.06 -37.30 24.28
N SER A 176 12.95 -38.48 23.65
CA SER A 176 13.88 -39.58 23.91
C SER A 176 13.50 -40.81 23.06
N THR A 177 14.48 -41.67 22.81
CA THR A 177 14.22 -42.88 22.02
C THR A 177 13.30 -43.81 22.79
N THR A 178 13.32 -43.69 24.11
CA THR A 178 12.49 -44.50 24.98
C THR A 178 11.02 -44.12 24.80
N GLU A 179 10.73 -42.81 24.80
CA GLU A 179 9.35 -42.39 24.63
C GLU A 179 8.90 -42.74 23.22
N GLN A 180 9.84 -42.75 22.27
CA GLN A 180 9.47 -43.10 20.90
C GLN A 180 9.07 -44.55 20.73
N THR A 181 9.91 -45.48 21.19
CA THR A 181 9.59 -46.90 21.06
C THR A 181 8.44 -47.27 22.01
N LYS A 182 7.81 -46.25 22.58
CA LYS A 182 6.69 -46.44 23.47
C LYS A 182 5.44 -46.01 22.72
N LEU A 183 5.39 -44.72 22.37
CA LEU A 183 4.25 -44.19 21.64
C LEU A 183 4.01 -44.99 20.38
N TYR A 184 5.07 -45.21 19.60
CA TYR A 184 4.96 -45.97 18.37
C TYR A 184 5.79 -47.25 18.55
N GLY A 185 5.95 -48.03 17.49
CA GLY A 185 6.73 -49.26 17.61
C GLY A 185 8.17 -49.02 18.01
N SER A 186 9.10 -49.75 17.39
CA SER A 186 10.52 -49.58 17.69
C SER A 186 11.36 -49.66 16.42
N GLY A 187 12.47 -48.95 16.42
CA GLY A 187 13.34 -48.95 15.27
C GLY A 187 13.15 -47.72 14.41
N ASN A 188 13.73 -47.76 13.21
CA ASN A 188 13.63 -46.65 12.29
C ASN A 188 12.18 -46.34 11.89
N LYS A 189 11.84 -45.06 11.91
CA LYS A 189 10.52 -44.60 11.55
C LYS A 189 10.72 -43.74 10.31
N LEU A 190 9.94 -43.99 9.25
CA LEU A 190 10.06 -43.20 8.04
C LEU A 190 8.71 -42.75 7.52
N ILE A 191 8.57 -41.45 7.30
CA ILE A 191 7.32 -40.87 6.83
C ILE A 191 7.63 -40.28 5.46
N THR A 192 7.06 -40.83 4.40
CA THR A 192 7.31 -40.29 3.06
C THR A 192 6.06 -39.77 2.39
N VAL A 193 6.05 -38.47 2.11
CA VAL A 193 4.92 -37.84 1.45
C VAL A 193 5.26 -37.67 -0.02
N GLY A 194 4.38 -38.11 -0.89
CA GLY A 194 4.62 -38.00 -2.31
C GLY A 194 3.39 -37.62 -3.11
N SER A 195 3.60 -36.86 -4.17
CA SER A 195 2.53 -36.46 -5.05
C SER A 195 3.13 -36.29 -6.43
N SER A 196 2.31 -35.86 -7.38
CA SER A 196 2.77 -35.67 -8.73
C SER A 196 4.06 -34.86 -8.78
N ASN A 197 4.01 -33.60 -8.35
CA ASN A 197 5.19 -32.74 -8.37
C ASN A 197 5.81 -32.47 -7.00
N TYR A 198 5.76 -33.46 -6.13
CA TYR A 198 6.33 -33.35 -4.80
C TYR A 198 6.83 -34.71 -4.39
N GLN A 199 7.78 -34.74 -3.47
CA GLN A 199 8.31 -36.01 -2.99
C GLN A 199 9.47 -35.81 -2.01
N GLN A 200 9.14 -35.84 -0.72
CA GLN A 200 10.15 -35.70 0.32
C GLN A 200 9.96 -36.94 1.18
N SER A 201 10.72 -37.02 2.26
CA SER A 201 10.63 -38.11 3.20
C SER A 201 11.16 -37.51 4.49
N PHE A 202 10.54 -37.83 5.61
CA PHE A 202 10.98 -37.28 6.88
C PHE A 202 11.33 -38.39 7.86
N VAL A 203 12.18 -38.06 8.81
CA VAL A 203 12.63 -39.01 9.82
C VAL A 203 12.62 -38.30 11.16
N PRO A 204 12.05 -38.95 12.19
CA PRO A 204 12.00 -38.35 13.53
C PRO A 204 13.39 -38.19 14.15
N SER A 205 13.56 -37.18 14.99
CA SER A 205 14.82 -36.93 15.66
C SER A 205 14.64 -36.86 17.18
N PRO A 206 14.23 -38.00 17.79
CA PRO A 206 13.98 -38.15 19.23
C PRO A 206 15.23 -38.03 20.10
N GLY A 207 15.15 -37.16 21.10
CA GLY A 207 16.29 -36.97 21.98
C GLY A 207 16.14 -35.77 22.87
N ALA A 208 17.00 -35.67 23.88
CA ALA A 208 16.98 -34.55 24.83
C ALA A 208 16.60 -33.23 24.16
N ARG A 209 15.84 -32.41 24.88
CA ARG A 209 15.39 -31.12 24.35
C ARG A 209 14.66 -30.40 25.49
N PRO A 210 14.74 -29.05 25.53
CA PRO A 210 14.08 -28.29 26.60
C PRO A 210 12.63 -28.72 26.78
N GLN A 211 11.99 -28.22 27.83
CA GLN A 211 10.60 -28.57 28.08
C GLN A 211 9.71 -27.34 28.00
N VAL A 212 9.26 -27.04 26.79
CA VAL A 212 8.39 -25.89 26.55
C VAL A 212 6.96 -26.33 26.75
N ASN A 213 6.15 -25.46 27.35
CA ASN A 213 4.76 -25.80 27.59
C ASN A 213 4.61 -27.26 28.00
N GLY A 214 5.31 -27.61 29.08
CA GLY A 214 5.26 -28.95 29.65
C GLY A 214 5.74 -30.16 28.87
N GLN A 215 6.09 -30.00 27.60
CA GLN A 215 6.55 -31.14 26.82
C GLN A 215 7.99 -30.94 26.38
N SER A 216 8.71 -32.04 26.20
CA SER A 216 10.10 -32.01 25.75
C SER A 216 10.18 -32.53 24.33
N GLY A 217 9.07 -33.07 23.87
CA GLY A 217 9.01 -33.58 22.52
C GLY A 217 8.62 -32.41 21.63
N ARG A 218 8.59 -32.63 20.33
CA ARG A 218 8.25 -31.57 19.39
C ARG A 218 7.52 -32.15 18.19
N ILE A 219 6.53 -31.42 17.70
CA ILE A 219 5.79 -31.84 16.52
C ILE A 219 5.92 -30.73 15.49
N ASP A 220 6.66 -30.99 14.41
CA ASP A 220 6.86 -30.01 13.36
C ASP A 220 5.94 -30.28 12.18
N PHE A 221 5.18 -29.28 11.74
CA PHE A 221 4.25 -29.48 10.64
C PHE A 221 4.84 -29.19 9.27
N HIS A 222 4.44 -30.00 8.29
CA HIS A 222 4.91 -29.84 6.92
C HIS A 222 3.73 -29.63 5.96
N TRP A 223 3.98 -29.08 4.78
CA TRP A 223 2.88 -28.85 3.85
C TRP A 223 3.16 -28.75 2.35
N LEU A 224 2.18 -29.16 1.54
CA LEU A 224 2.30 -29.05 0.08
C LEU A 224 0.96 -28.60 -0.47
N MET A 225 0.95 -28.20 -1.73
CA MET A 225 -0.27 -27.75 -2.39
C MET A 225 -0.65 -28.80 -3.44
N LEU A 226 -1.75 -29.51 -3.21
CA LEU A 226 -2.25 -30.57 -4.09
C LEU A 226 -3.03 -30.06 -5.30
N ASN A 227 -2.52 -30.32 -6.50
CA ASN A 227 -3.18 -29.88 -7.73
C ASN A 227 -4.48 -30.63 -8.02
N PRO A 228 -5.36 -30.01 -8.81
CA PRO A 228 -6.65 -30.60 -9.18
C PRO A 228 -6.47 -31.99 -9.81
N ASN A 229 -7.23 -32.96 -9.31
CA ASN A 229 -7.20 -34.35 -9.75
C ASN A 229 -5.97 -35.14 -9.30
N ASP A 230 -4.99 -34.44 -8.73
CA ASP A 230 -3.77 -35.09 -8.25
C ASP A 230 -4.03 -35.88 -6.98
N THR A 231 -3.14 -36.79 -6.66
CA THR A 231 -3.28 -37.64 -5.49
C THR A 231 -2.03 -37.61 -4.59
N VAL A 232 -2.24 -37.41 -3.30
CA VAL A 232 -1.16 -37.37 -2.32
C VAL A 232 -1.10 -38.70 -1.57
N THR A 233 0.11 -39.21 -1.38
CA THR A 233 0.29 -40.47 -0.71
C THR A 233 1.20 -40.35 0.51
N PHE A 234 0.73 -40.84 1.66
CA PHE A 234 1.51 -40.82 2.88
C PHE A 234 1.92 -42.27 3.18
N SER A 235 3.20 -42.49 3.39
CA SER A 235 3.76 -43.81 3.68
C SER A 235 4.56 -43.68 4.97
N PHE A 236 4.00 -44.15 6.07
CA PHE A 236 4.69 -44.02 7.35
C PHE A 236 4.55 -45.26 8.21
N ASN A 237 5.20 -45.25 9.36
CA ASN A 237 5.12 -46.35 10.31
C ASN A 237 5.23 -45.80 11.73
N GLY A 238 4.63 -44.62 11.93
CA GLY A 238 4.65 -43.99 13.23
C GLY A 238 5.15 -42.55 13.22
N ALA A 239 5.29 -41.97 14.42
CA ALA A 239 5.78 -40.61 14.58
C ALA A 239 5.14 -39.63 13.62
N PHE A 240 4.08 -40.07 12.96
CA PHE A 240 3.38 -39.25 11.97
C PHE A 240 2.14 -38.61 12.57
N ILE A 241 2.02 -37.31 12.41
CA ILE A 241 0.84 -36.62 12.90
C ILE A 241 0.02 -36.43 11.63
N ALA A 242 -1.02 -37.24 11.49
CA ALA A 242 -1.87 -37.22 10.30
C ALA A 242 -2.84 -36.06 10.17
N PRO A 243 -3.21 -35.74 8.93
CA PRO A 243 -4.14 -34.65 8.61
C PRO A 243 -5.59 -35.16 8.48
N ASP A 244 -6.48 -34.71 9.35
CA ASP A 244 -7.87 -35.14 9.28
C ASP A 244 -8.60 -34.41 8.18
N ARG A 245 -8.22 -33.16 7.92
CA ARG A 245 -8.90 -32.38 6.88
C ARG A 245 -7.99 -31.53 6.03
N ALA A 246 -8.39 -31.36 4.77
CA ALA A 246 -7.66 -30.54 3.81
C ALA A 246 -8.27 -29.15 3.83
N SER A 247 -7.66 -28.22 3.09
CA SER A 247 -8.15 -26.86 3.06
C SER A 247 -8.19 -26.31 1.64
N PHE A 248 -9.11 -25.39 1.39
CA PHE A 248 -9.25 -24.78 0.08
C PHE A 248 -9.40 -23.29 0.25
N LEU A 249 -8.82 -22.53 -0.66
CA LEU A 249 -8.89 -21.09 -0.56
C LEU A 249 -10.22 -20.62 -1.13
N ARG A 250 -10.87 -19.67 -0.45
CA ARG A 250 -12.15 -19.15 -0.92
C ARG A 250 -11.99 -18.11 -2.02
N GLY A 251 -10.82 -17.47 -2.10
CA GLY A 251 -10.61 -16.46 -3.12
C GLY A 251 -9.86 -15.26 -2.59
N LYS A 252 -9.95 -14.13 -3.27
CA LYS A 252 -9.25 -12.92 -2.86
C LYS A 252 -9.34 -12.59 -1.35
N SER A 253 -8.35 -11.83 -0.88
CA SER A 253 -8.23 -11.35 0.50
C SER A 253 -6.83 -10.80 0.71
N MET A 254 -6.67 -10.00 1.75
CA MET A 254 -5.38 -9.44 2.07
C MET A 254 -5.08 -9.65 3.55
N GLY A 255 -3.81 -9.87 3.88
CA GLY A 255 -3.44 -10.06 5.27
C GLY A 255 -2.48 -8.96 5.69
N ILE A 256 -2.66 -8.43 6.90
CA ILE A 256 -1.80 -7.37 7.41
C ILE A 256 -1.39 -7.66 8.83
N GLN A 257 -0.43 -6.90 9.33
CA GLN A 257 -0.01 -7.04 10.71
C GLN A 257 -0.23 -5.66 11.30
N SER A 258 -0.91 -5.61 12.42
CA SER A 258 -1.18 -4.35 13.05
C SER A 258 -1.27 -4.59 14.52
N SER A 259 -1.16 -3.52 15.28
CA SER A 259 -1.23 -3.56 16.73
C SER A 259 -2.25 -2.51 17.09
N VAL A 260 -2.97 -2.05 16.08
CA VAL A 260 -3.97 -1.03 16.26
C VAL A 260 -5.42 -1.54 16.10
N GLN A 261 -6.37 -0.83 16.70
CA GLN A 261 -7.79 -1.21 16.63
C GLN A 261 -8.43 -1.11 15.26
N VAL A 262 -9.44 -1.96 15.09
CA VAL A 262 -10.25 -2.04 13.90
C VAL A 262 -11.31 -0.95 13.99
N ASP A 263 -11.62 -0.33 12.86
CA ASP A 263 -12.64 0.70 12.85
C ASP A 263 -13.45 0.57 11.56
N ALA A 264 -14.74 0.26 11.69
CA ALA A 264 -15.58 0.11 10.52
C ALA A 264 -16.22 1.40 10.07
N ASN A 265 -15.76 2.52 10.60
CA ASN A 265 -16.34 3.80 10.20
C ASN A 265 -15.58 4.43 9.04
N CYS A 266 -14.27 4.25 8.99
CA CYS A 266 -13.49 4.80 7.89
C CYS A 266 -13.16 3.74 6.85
N GLU A 267 -12.78 4.18 5.65
CA GLU A 267 -12.39 3.25 4.60
C GLU A 267 -10.97 3.44 4.09
N GLY A 268 -10.25 2.34 3.97
CA GLY A 268 -8.90 2.42 3.48
C GLY A 268 -8.51 1.22 2.66
N ASP A 269 -7.47 1.39 1.86
CA ASP A 269 -6.98 0.30 1.05
C ASP A 269 -5.49 0.17 1.22
N CYS A 270 -4.91 1.09 1.99
CA CYS A 270 -3.48 1.08 2.27
C CYS A 270 -3.28 0.89 3.76
N TYR A 271 -3.08 -0.36 4.16
CA TYR A 271 -2.89 -0.68 5.56
C TYR A 271 -1.42 -0.82 5.86
N HIS A 272 -1.12 -0.81 7.15
CA HIS A 272 0.22 -1.00 7.63
C HIS A 272 0.10 -1.18 9.13
N SER A 273 1.17 -1.64 9.77
CA SER A 273 1.18 -1.92 11.19
C SER A 273 0.47 -0.96 12.13
N GLY A 274 0.65 0.33 11.90
CA GLY A 274 0.03 1.30 12.78
C GLY A 274 -0.99 2.20 12.13
N GLY A 275 -1.98 1.60 11.49
CA GLY A 275 -3.02 2.38 10.89
C GLY A 275 -3.26 2.17 9.42
N THR A 276 -3.91 3.15 8.81
CA THR A 276 -4.24 3.12 7.40
C THR A 276 -3.80 4.46 6.87
N ILE A 277 -3.18 4.44 5.69
CA ILE A 277 -2.73 5.68 5.08
C ILE A 277 -3.84 6.07 4.14
N ILE A 278 -4.69 6.96 4.60
CA ILE A 278 -5.80 7.42 3.77
C ILE A 278 -5.38 8.71 3.07
N SER A 279 -5.12 8.61 1.76
CA SER A 279 -4.69 9.77 0.98
C SER A 279 -4.77 9.51 -0.52
N ASN A 280 -4.93 10.58 -1.30
CA ASN A 280 -4.97 10.44 -2.76
C ASN A 280 -3.68 10.94 -3.38
N LEU A 281 -2.71 11.28 -2.54
CA LEU A 281 -1.42 11.77 -3.00
C LEU A 281 -0.62 10.61 -3.55
N PRO A 282 0.36 10.88 -4.43
CA PRO A 282 1.20 9.84 -5.04
C PRO A 282 2.31 9.25 -4.16
N PHE A 283 2.80 10.04 -3.22
CA PHE A 283 3.89 9.59 -2.37
C PHE A 283 3.59 9.64 -0.88
N GLN A 284 4.21 8.73 -0.13
CA GLN A 284 4.00 8.71 1.30
C GLN A 284 5.36 8.55 1.99
N ASN A 285 5.45 9.09 3.19
CA ASN A 285 6.69 9.04 3.95
C ASN A 285 6.38 8.41 5.30
N ILE A 286 5.26 7.71 5.37
CA ILE A 286 4.83 7.09 6.61
C ILE A 286 5.48 5.77 6.92
N ASN A 287 5.21 4.75 6.11
CA ASN A 287 5.79 3.45 6.36
C ASN A 287 6.22 2.78 5.05
N SER A 288 7.48 2.38 4.97
CA SER A 288 7.96 1.74 3.74
C SER A 288 7.41 0.33 3.52
N ARG A 289 6.78 -0.27 4.53
CA ARG A 289 6.22 -1.61 4.36
C ARG A 289 4.69 -1.68 4.29
N ALA A 290 4.07 -0.55 4.01
CA ALA A 290 2.63 -0.46 3.90
C ALA A 290 2.24 -1.38 2.76
N VAL A 291 1.04 -1.94 2.80
CA VAL A 291 0.59 -2.84 1.74
C VAL A 291 -0.83 -2.53 1.29
N GLY A 292 -1.22 -3.09 0.14
CA GLY A 292 -2.53 -2.82 -0.43
C GLY A 292 -2.35 -1.88 -1.61
N LYS A 293 -3.26 -0.93 -1.80
CA LYS A 293 -3.14 0.03 -2.89
C LYS A 293 -2.69 1.28 -2.18
N CYS A 294 -1.39 1.55 -2.20
CA CYS A 294 -0.82 2.68 -1.50
C CYS A 294 -0.11 3.71 -2.38
N PRO A 295 0.44 4.76 -1.75
CA PRO A 295 1.16 5.75 -2.55
C PRO A 295 2.60 5.22 -2.40
N ARG A 296 3.49 5.48 -3.36
CA ARG A 296 4.86 4.98 -3.27
C ARG A 296 5.59 5.60 -2.08
N TYR A 297 6.38 4.79 -1.37
CA TYR A 297 7.10 5.31 -0.23
C TYR A 297 8.38 6.00 -0.68
N VAL A 298 8.64 7.19 -0.17
CA VAL A 298 9.85 7.92 -0.55
C VAL A 298 10.62 8.31 0.70
N LYS A 299 11.74 9.00 0.53
CA LYS A 299 12.54 9.45 1.68
C LYS A 299 12.05 10.81 2.14
N GLN A 300 11.95 11.74 1.18
CA GLN A 300 11.51 13.10 1.46
C GLN A 300 10.32 13.17 2.38
N GLU A 301 10.25 14.25 3.15
CA GLU A 301 9.12 14.46 4.05
C GLU A 301 8.11 15.32 3.34
N SER A 302 8.59 16.13 2.40
CA SER A 302 7.71 17.00 1.67
C SER A 302 8.27 17.41 0.32
N LEU A 303 7.43 17.27 -0.70
CA LEU A 303 7.78 17.65 -2.07
C LEU A 303 6.58 18.47 -2.50
N MET A 304 6.73 19.79 -2.44
CA MET A 304 5.63 20.72 -2.76
C MET A 304 5.43 21.05 -4.24
N LEU A 305 4.21 20.88 -4.72
CA LEU A 305 3.86 21.17 -6.11
C LEU A 305 3.24 22.55 -6.31
N ALA A 306 3.96 23.43 -6.98
CA ALA A 306 3.45 24.77 -7.23
C ALA A 306 2.13 24.68 -7.95
N THR A 307 1.19 25.55 -7.58
CA THR A 307 -0.11 25.56 -8.21
C THR A 307 -0.43 27.01 -8.51
N GLY A 308 0.63 27.77 -8.70
CA GLY A 308 0.47 29.18 -8.99
C GLY A 308 1.71 29.82 -9.58
N MET A 309 1.53 30.98 -10.17
CA MET A 309 2.64 31.68 -10.78
C MET A 309 3.69 31.98 -9.73
N LYS A 310 4.80 32.58 -10.16
CA LYS A 310 5.82 32.94 -9.21
C LYS A 310 5.26 34.14 -8.46
N ASN A 311 5.56 34.23 -7.18
CA ASN A 311 5.07 35.34 -6.37
C ASN A 311 6.05 36.49 -6.33
N VAL A 312 5.58 37.68 -6.69
CA VAL A 312 6.42 38.88 -6.70
C VAL A 312 5.76 39.97 -5.86
N PRO A 313 6.11 40.05 -4.57
CA PRO A 313 5.56 41.06 -3.66
C PRO A 313 5.99 42.46 -4.08
N GLU A 314 5.18 43.46 -3.73
CA GLU A 314 5.49 44.84 -4.08
C GLU A 314 6.74 45.31 -3.31
N GLY B 1 11.43 33.27 -15.52
CA GLY B 1 10.40 32.84 -16.48
C GLY B 1 10.82 32.96 -17.93
N LEU B 2 10.73 31.86 -18.68
CA LEU B 2 11.12 31.85 -20.09
C LEU B 2 10.56 32.97 -20.97
N PHE B 3 9.44 33.57 -20.58
CA PHE B 3 8.85 34.60 -21.43
C PHE B 3 9.20 36.02 -21.05
N GLY B 4 10.01 36.18 -20.00
CA GLY B 4 10.43 37.50 -19.58
C GLY B 4 9.29 38.42 -19.16
N ALA B 5 8.10 37.86 -18.99
CA ALA B 5 6.94 38.65 -18.56
C ALA B 5 6.89 38.73 -17.04
N ILE B 6 6.33 37.71 -16.40
CA ILE B 6 6.25 37.70 -14.94
C ILE B 6 7.63 37.64 -14.33
N ALA B 7 7.84 38.48 -13.32
CA ALA B 7 9.14 38.58 -12.67
C ALA B 7 10.13 39.03 -13.75
N GLY B 8 9.63 39.88 -14.65
CA GLY B 8 10.43 40.38 -15.76
C GLY B 8 10.12 41.84 -16.06
N PHE B 9 9.73 42.15 -17.30
CA PHE B 9 9.43 43.52 -17.70
C PHE B 9 8.14 44.05 -17.08
N ILE B 10 7.64 43.28 -16.13
CA ILE B 10 6.49 43.63 -15.32
C ILE B 10 7.19 43.37 -14.01
N GLU B 11 7.60 44.44 -13.34
CA GLU B 11 8.32 44.36 -12.08
C GLU B 11 7.74 43.38 -11.07
N ASN B 12 6.65 43.78 -10.40
CA ASN B 12 6.01 42.94 -9.40
C ASN B 12 4.57 42.73 -9.79
N GLY B 13 3.83 42.02 -8.95
CA GLY B 13 2.43 41.79 -9.22
C GLY B 13 1.58 42.69 -8.33
N TRP B 14 0.25 42.59 -8.47
CA TRP B 14 -0.63 43.41 -7.66
C TRP B 14 -1.29 42.62 -6.54
N GLU B 15 -0.96 42.98 -5.31
CA GLU B 15 -1.52 42.30 -4.14
C GLU B 15 -2.99 42.65 -3.91
N GLY B 16 -3.50 43.58 -4.69
CA GLY B 16 -4.89 43.96 -4.52
C GLY B 16 -5.79 43.31 -5.56
N LEU B 17 -5.17 42.65 -6.53
CA LEU B 17 -5.90 41.99 -7.60
C LEU B 17 -6.38 40.60 -7.17
N ILE B 18 -7.14 40.54 -6.08
CA ILE B 18 -7.63 39.26 -5.60
C ILE B 18 -8.84 38.76 -6.37
N ASP B 19 -9.12 39.38 -7.51
CA ASP B 19 -10.26 38.99 -8.34
C ASP B 19 -9.90 37.86 -9.30
N GLY B 20 -8.71 37.95 -9.89
CA GLY B 20 -8.26 36.93 -10.82
C GLY B 20 -6.75 36.77 -10.81
N TRP B 21 -6.22 36.08 -11.81
CA TRP B 21 -4.78 35.88 -11.90
C TRP B 21 -4.14 37.06 -12.59
N TYR B 22 -4.75 37.49 -13.69
CA TYR B 22 -4.24 38.63 -14.43
C TYR B 22 -5.33 39.69 -14.42
N GLY B 23 -5.06 40.86 -15.00
CA GLY B 23 -6.06 41.90 -15.02
C GLY B 23 -5.56 43.23 -15.54
N PHE B 24 -6.47 44.17 -15.74
CA PHE B 24 -6.10 45.49 -16.25
C PHE B 24 -6.22 46.59 -15.21
N ARG B 25 -5.23 47.47 -15.17
CA ARG B 25 -5.21 48.60 -14.26
C ARG B 25 -4.98 49.85 -15.10
N HIS B 26 -6.04 50.66 -15.25
CA HIS B 26 -5.99 51.88 -16.05
C HIS B 26 -6.03 53.17 -15.24
N GLN B 27 -5.71 54.27 -15.91
CA GLN B 27 -5.72 55.60 -15.30
C GLN B 27 -6.21 56.61 -16.33
N ASN B 28 -7.51 56.60 -16.61
CA ASN B 28 -8.11 57.51 -17.59
C ASN B 28 -8.41 58.88 -16.98
N ALA B 29 -8.82 59.80 -17.84
CA ALA B 29 -9.15 61.17 -17.43
C ALA B 29 -9.72 61.23 -16.02
N GLN B 30 -10.96 60.75 -15.82
CA GLN B 30 -11.62 60.73 -14.51
C GLN B 30 -10.78 60.02 -13.48
N GLY B 31 -11.20 58.80 -13.15
CA GLY B 31 -10.49 58.02 -12.17
C GLY B 31 -9.88 56.74 -12.71
N GLU B 32 -9.09 56.08 -11.89
CA GLU B 32 -8.45 54.83 -12.28
C GLU B 32 -9.40 53.64 -12.14
N GLY B 33 -8.85 52.46 -11.85
CA GLY B 33 -9.66 51.27 -11.72
C GLY B 33 -8.82 50.03 -11.97
N THR B 34 -9.13 48.95 -11.27
CA THR B 34 -8.38 47.70 -11.42
C THR B 34 -9.28 46.47 -11.50
N ALA B 35 -9.45 45.95 -12.70
CA ALA B 35 -10.29 44.77 -12.92
C ALA B 35 -9.54 43.55 -13.44
N ALA B 36 -9.80 42.39 -12.85
CA ALA B 36 -9.16 41.16 -13.26
C ALA B 36 -9.69 40.68 -14.62
N ASP B 37 -8.85 39.94 -15.35
CA ASP B 37 -9.21 39.41 -16.67
C ASP B 37 -9.55 37.93 -16.58
N TYR B 38 -10.83 37.60 -16.66
CA TYR B 38 -11.32 36.23 -16.58
C TYR B 38 -10.70 35.28 -17.60
N LYS B 39 -10.61 35.71 -18.85
CA LYS B 39 -10.06 34.91 -19.93
C LYS B 39 -8.75 34.22 -19.59
N SER B 40 -7.69 35.01 -19.49
CA SER B 40 -6.36 34.50 -19.18
C SER B 40 -6.34 33.65 -17.91
N THR B 41 -6.88 34.20 -16.83
CA THR B 41 -6.91 33.52 -15.54
C THR B 41 -7.43 32.09 -15.65
N GLN B 42 -8.61 31.92 -16.22
CA GLN B 42 -9.18 30.59 -16.32
C GLN B 42 -8.28 29.69 -17.15
N SER B 43 -7.68 30.24 -18.21
CA SER B 43 -6.80 29.46 -19.06
C SER B 43 -5.67 28.81 -18.25
N ALA B 44 -5.01 29.60 -17.41
CA ALA B 44 -3.94 29.09 -16.58
C ALA B 44 -4.52 28.11 -15.58
N ILE B 45 -5.36 28.60 -14.67
CA ILE B 45 -5.98 27.74 -13.67
C ILE B 45 -6.33 26.36 -14.21
N ASP B 46 -7.19 26.32 -15.21
CA ASP B 46 -7.61 25.06 -15.83
C ASP B 46 -6.41 24.14 -16.06
N GLN B 47 -5.43 24.63 -16.80
CA GLN B 47 -4.23 23.85 -17.10
C GLN B 47 -3.52 23.37 -15.84
N ILE B 48 -3.31 24.26 -14.88
CA ILE B 48 -2.63 23.87 -13.66
C ILE B 48 -3.47 22.85 -12.90
N THR B 49 -4.78 23.05 -12.93
CA THR B 49 -5.65 22.09 -12.26
C THR B 49 -5.42 20.77 -13.00
N GLY B 50 -5.01 20.88 -14.25
CA GLY B 50 -4.72 19.71 -15.07
C GLY B 50 -3.64 18.87 -14.44
N LYS B 51 -2.44 19.43 -14.30
CA LYS B 51 -1.35 18.69 -13.70
C LYS B 51 -1.79 18.04 -12.40
N LEU B 52 -2.23 18.87 -11.46
CA LEU B 52 -2.66 18.38 -10.16
C LEU B 52 -3.52 17.15 -10.30
N ASN B 53 -4.39 17.15 -11.31
CA ASN B 53 -5.24 16.00 -11.57
C ASN B 53 -4.38 14.84 -12.04
N ARG B 54 -3.55 15.11 -13.04
CA ARG B 54 -2.66 14.11 -13.58
C ARG B 54 -1.88 13.42 -12.46
N LEU B 55 -1.51 14.18 -11.43
CA LEU B 55 -0.74 13.66 -10.31
C LEU B 55 -1.51 12.91 -9.23
N ILE B 56 -2.81 13.18 -9.12
CA ILE B 56 -3.61 12.51 -8.11
C ILE B 56 -4.33 11.30 -8.69
N GLU B 57 -3.59 10.25 -9.03
CA GLU B 57 -4.20 9.06 -9.61
C GLU B 57 -4.14 7.83 -8.72
N LYS B 58 -4.93 6.81 -9.07
CA LYS B 58 -5.03 5.56 -8.28
C LYS B 58 -4.11 4.43 -8.69
N THR B 59 -3.16 4.09 -7.81
CA THR B 59 -2.24 3.00 -8.11
C THR B 59 -3.00 1.75 -7.76
N ASN B 60 -3.91 1.34 -8.66
CA ASN B 60 -4.71 0.15 -8.45
C ASN B 60 -3.81 -1.06 -8.24
N GLN B 61 -2.51 -0.82 -8.12
CA GLN B 61 -1.59 -1.91 -7.90
C GLN B 61 -1.46 -2.23 -6.46
N GLN B 62 -1.88 -3.43 -6.13
CA GLN B 62 -1.87 -3.91 -4.79
C GLN B 62 -0.69 -4.81 -4.54
N PHE B 63 0.05 -4.55 -3.48
CA PHE B 63 1.16 -5.40 -3.14
C PHE B 63 0.84 -6.09 -1.82
N GLU B 64 1.04 -7.40 -1.80
CA GLU B 64 0.81 -8.18 -0.61
C GLU B 64 2.10 -7.98 0.13
N LEU B 65 2.15 -8.23 1.42
CA LEU B 65 3.44 -8.00 2.05
C LEU B 65 4.22 -9.31 2.04
N ILE B 66 5.56 -9.23 2.02
CA ILE B 66 6.47 -10.39 2.05
C ILE B 66 7.38 -10.48 3.25
N ASP B 67 7.38 -9.46 4.11
CA ASP B 67 8.21 -9.49 5.30
C ASP B 67 7.38 -10.00 6.45
N ASN B 68 7.91 -9.81 7.66
CA ASN B 68 7.21 -10.19 8.87
C ASN B 68 7.72 -9.36 10.04
N GLU B 69 6.83 -8.56 10.66
CA GLU B 69 7.22 -7.71 11.78
C GLU B 69 7.31 -8.50 13.07
N PHE B 70 6.55 -9.58 13.16
CA PHE B 70 6.59 -10.44 14.33
C PHE B 70 7.28 -11.61 13.67
N THR B 71 8.13 -12.35 14.37
CA THR B 71 8.79 -13.48 13.70
C THR B 71 9.47 -13.10 12.39
N GLU B 72 10.75 -12.77 12.44
CA GLU B 72 11.52 -12.37 11.27
C GLU B 72 11.85 -13.54 10.36
N VAL B 73 11.85 -13.31 9.06
CA VAL B 73 12.16 -14.34 8.07
C VAL B 73 13.67 -14.63 8.08
N GLU B 74 14.11 -15.67 7.40
CA GLU B 74 15.53 -16.00 7.42
C GLU B 74 16.39 -14.79 7.06
N LYS B 75 17.63 -14.78 7.54
CA LYS B 75 18.49 -13.64 7.32
C LYS B 75 18.94 -13.38 5.89
N GLN B 76 19.39 -14.42 5.19
CA GLN B 76 19.85 -14.24 3.81
C GLN B 76 18.74 -13.64 2.95
N ILE B 77 17.61 -14.33 2.89
CA ILE B 77 16.48 -13.85 2.11
C ILE B 77 16.01 -12.49 2.60
N GLY B 78 16.09 -12.28 3.91
CA GLY B 78 15.69 -11.02 4.50
C GLY B 78 16.48 -9.83 3.99
N ASN B 79 17.81 -9.91 3.99
CA ASN B 79 18.61 -8.81 3.48
C ASN B 79 18.37 -8.56 2.00
N VAL B 80 18.21 -9.63 1.23
CA VAL B 80 17.96 -9.48 -0.20
C VAL B 80 16.68 -8.69 -0.40
N ILE B 81 15.66 -9.06 0.37
CA ILE B 81 14.36 -8.40 0.27
C ILE B 81 14.48 -6.90 0.53
N ASN B 82 15.20 -6.56 1.58
CA ASN B 82 15.32 -5.17 1.93
C ASN B 82 16.24 -4.39 1.05
N TRP B 83 17.30 -5.06 0.59
CA TRP B 83 18.26 -4.48 -0.34
C TRP B 83 17.40 -4.04 -1.53
N THR B 84 16.47 -4.91 -1.91
CA THR B 84 15.56 -4.64 -3.01
C THR B 84 14.63 -3.50 -2.68
N ARG B 85 13.92 -3.62 -1.57
CA ARG B 85 13.00 -2.56 -1.19
C ARG B 85 13.66 -1.18 -1.17
N ASP B 86 14.86 -1.09 -0.62
CA ASP B 86 15.54 0.20 -0.56
C ASP B 86 15.91 0.73 -1.93
N SER B 87 16.38 -0.17 -2.78
CA SER B 87 16.73 0.23 -4.13
C SER B 87 15.47 0.86 -4.72
N MET B 88 14.34 0.23 -4.47
CA MET B 88 13.08 0.74 -4.98
C MET B 88 12.78 2.08 -4.33
N THR B 89 13.09 2.19 -3.05
CA THR B 89 12.86 3.44 -2.34
C THR B 89 13.75 4.53 -2.89
N GLU B 90 14.99 4.18 -3.24
CA GLU B 90 15.91 5.16 -3.79
C GLU B 90 15.37 5.69 -5.11
N VAL B 91 14.85 4.77 -5.92
CA VAL B 91 14.29 5.10 -7.22
C VAL B 91 13.10 6.05 -7.13
N TRP B 92 12.04 5.61 -6.45
CA TRP B 92 10.83 6.42 -6.31
C TRP B 92 11.08 7.78 -5.71
N SER B 93 12.03 7.85 -4.77
CA SER B 93 12.36 9.11 -4.14
C SER B 93 12.93 10.00 -5.22
N TYR B 94 13.83 9.44 -6.04
CA TYR B 94 14.42 10.21 -7.12
C TYR B 94 13.31 10.66 -8.06
N ASN B 95 12.49 9.73 -8.54
CA ASN B 95 11.40 10.10 -9.43
C ASN B 95 10.56 11.23 -8.78
N ALA B 96 10.08 10.94 -7.58
CA ALA B 96 9.24 11.88 -6.85
C ALA B 96 9.80 13.30 -6.81
N GLU B 97 11.11 13.42 -6.67
CA GLU B 97 11.69 14.75 -6.61
C GLU B 97 11.89 15.36 -7.99
N LEU B 98 12.13 14.54 -9.00
CA LEU B 98 12.30 15.09 -10.34
C LEU B 98 10.98 15.58 -10.91
N LEU B 99 9.95 14.77 -10.75
CA LEU B 99 8.62 15.12 -11.23
C LEU B 99 8.22 16.47 -10.68
N VAL B 100 8.20 16.57 -9.35
CA VAL B 100 7.81 17.82 -8.73
C VAL B 100 8.70 18.98 -9.15
N ALA B 101 10.01 18.78 -9.13
CA ALA B 101 10.94 19.83 -9.51
C ALA B 101 10.75 20.19 -10.97
N MET B 102 10.54 19.19 -11.80
CA MET B 102 10.35 19.46 -13.22
C MET B 102 8.99 20.11 -13.43
N GLU B 103 7.94 19.49 -12.92
CA GLU B 103 6.59 20.03 -13.08
C GLU B 103 6.61 21.50 -12.75
N ASN B 104 7.04 21.83 -11.55
CA ASN B 104 7.08 23.22 -11.11
C ASN B 104 7.73 24.16 -12.12
N GLN B 105 8.94 23.84 -12.55
CA GLN B 105 9.63 24.68 -13.53
C GLN B 105 8.59 25.06 -14.58
N HIS B 106 8.04 24.04 -15.24
CA HIS B 106 7.05 24.23 -16.26
C HIS B 106 5.88 25.11 -15.80
N THR B 107 5.30 24.77 -14.65
CA THR B 107 4.19 25.52 -14.10
C THR B 107 4.48 27.01 -14.16
N ILE B 108 5.51 27.44 -13.44
CA ILE B 108 5.89 28.85 -13.42
C ILE B 108 5.94 29.40 -14.84
N ASP B 109 6.75 28.78 -15.71
CA ASP B 109 6.86 29.25 -17.09
C ASP B 109 5.49 29.34 -17.73
N LEU B 110 4.62 28.42 -17.38
CA LEU B 110 3.29 28.38 -17.95
C LEU B 110 2.55 29.69 -17.75
N THR B 111 2.80 30.36 -16.62
CA THR B 111 2.14 31.63 -16.36
C THR B 111 2.73 32.74 -17.18
N ASP B 112 4.05 32.88 -17.14
CA ASP B 112 4.70 33.91 -17.94
C ASP B 112 3.95 33.97 -19.24
N SER B 113 3.95 32.82 -19.91
CA SER B 113 3.29 32.63 -21.18
C SER B 113 1.92 33.29 -21.19
N GLU B 114 1.01 32.79 -20.36
CA GLU B 114 -0.32 33.34 -20.29
C GLU B 114 -0.30 34.85 -20.09
N MET B 115 0.50 35.33 -19.13
CA MET B 115 0.61 36.76 -18.90
C MET B 115 1.04 37.42 -20.21
N ASN B 116 2.13 36.91 -20.78
CA ASN B 116 2.63 37.44 -22.02
C ASN B 116 1.57 37.32 -23.11
N LYS B 117 0.79 36.24 -23.06
CA LYS B 117 -0.24 36.04 -24.05
C LYS B 117 -1.19 37.22 -24.06
N LEU B 118 -1.60 37.63 -22.86
CA LEU B 118 -2.52 38.75 -22.68
C LEU B 118 -1.92 40.03 -23.23
N TYR B 119 -0.76 40.40 -22.70
CA TYR B 119 -0.06 41.60 -23.14
C TYR B 119 -0.07 41.73 -24.66
N GLU B 120 0.36 40.68 -25.36
CA GLU B 120 0.42 40.67 -26.83
C GLU B 120 -0.96 40.84 -27.42
N ARG B 121 -1.97 40.46 -26.65
CA ARG B 121 -3.35 40.59 -27.10
C ARG B 121 -3.66 42.10 -27.12
N VAL B 122 -3.49 42.74 -25.96
CA VAL B 122 -3.72 44.17 -25.82
C VAL B 122 -2.95 44.98 -26.86
N LYS B 123 -1.67 44.66 -27.04
CA LYS B 123 -0.87 45.39 -28.03
C LYS B 123 -1.56 45.33 -29.39
N ARG B 124 -1.44 44.18 -30.05
CA ARG B 124 -2.04 43.99 -31.37
C ARG B 124 -3.44 44.60 -31.46
N GLN B 125 -4.19 44.57 -30.35
CA GLN B 125 -5.52 45.14 -30.34
C GLN B 125 -5.48 46.62 -30.62
N LEU B 126 -4.74 47.34 -29.78
CA LEU B 126 -4.63 48.78 -29.88
C LEU B 126 -4.05 49.27 -31.19
N ARG B 127 -3.54 48.33 -31.99
CA ARG B 127 -2.96 48.70 -33.26
C ARG B 127 -1.96 49.83 -33.06
N GLU B 128 -2.11 50.91 -33.83
CA GLU B 128 -1.20 52.05 -33.74
C GLU B 128 -1.77 53.28 -33.02
N ASN B 129 -2.62 53.02 -32.04
CA ASN B 129 -3.28 54.05 -31.26
C ASN B 129 -2.63 54.28 -29.89
N ALA B 130 -1.74 53.37 -29.50
CA ALA B 130 -1.04 53.47 -28.21
C ALA B 130 0.42 53.09 -28.39
N GLU B 131 1.25 53.35 -27.39
CA GLU B 131 2.66 53.01 -27.47
C GLU B 131 3.01 52.04 -26.34
N GLU B 132 4.08 51.28 -26.53
CA GLU B 132 4.53 50.29 -25.55
C GLU B 132 5.71 50.86 -24.77
N ASP B 133 5.45 51.33 -23.57
CA ASP B 133 6.50 51.92 -22.72
C ASP B 133 7.56 50.92 -22.27
N GLY B 134 7.13 49.88 -21.56
CA GLY B 134 8.08 48.88 -21.09
C GLY B 134 7.80 48.32 -19.71
N THR B 135 6.98 49.03 -18.95
CA THR B 135 6.65 48.58 -17.61
C THR B 135 5.40 47.72 -17.67
N GLY B 136 4.87 47.56 -18.89
CA GLY B 136 3.68 46.77 -19.10
C GLY B 136 2.43 47.61 -19.27
N CYS B 137 2.61 48.93 -19.35
CA CYS B 137 1.51 49.87 -19.51
C CYS B 137 1.36 50.33 -20.94
N PHE B 138 0.14 50.66 -21.32
CA PHE B 138 -0.14 51.16 -22.66
C PHE B 138 -0.71 52.57 -22.56
N GLU B 139 0.14 53.55 -22.90
CA GLU B 139 -0.27 54.95 -22.88
C GLU B 139 -1.08 55.22 -24.13
N ILE B 140 -2.39 55.32 -23.96
CA ILE B 140 -3.29 55.53 -25.07
C ILE B 140 -3.26 56.99 -25.51
N PHE B 141 -2.97 57.21 -26.80
CA PHE B 141 -2.91 58.56 -27.34
C PHE B 141 -4.29 59.11 -27.69
N HIS B 142 -5.16 59.18 -26.69
CA HIS B 142 -6.52 59.70 -26.84
C HIS B 142 -7.34 59.42 -25.58
N LYS B 143 -8.14 60.41 -25.18
CA LYS B 143 -8.97 60.27 -23.98
C LYS B 143 -9.69 58.93 -24.01
N CYS B 144 -9.21 58.00 -23.19
CA CYS B 144 -9.85 56.70 -23.13
C CYS B 144 -10.60 56.64 -21.81
N ASP B 145 -11.84 57.11 -21.84
CA ASP B 145 -12.67 57.14 -20.65
C ASP B 145 -13.02 55.74 -20.17
N ASP B 146 -13.62 55.66 -18.99
CA ASP B 146 -14.00 54.39 -18.38
C ASP B 146 -14.64 53.43 -19.38
N ASP B 147 -15.59 53.93 -20.17
CA ASP B 147 -16.26 53.09 -21.17
C ASP B 147 -15.23 52.62 -22.19
N CYS B 148 -14.22 53.47 -22.42
CA CYS B 148 -13.16 53.19 -23.37
C CYS B 148 -12.14 52.19 -22.80
N MET B 149 -11.56 52.51 -21.64
CA MET B 149 -10.60 51.60 -21.02
C MET B 149 -11.21 50.21 -21.03
N ALA B 150 -12.42 50.10 -20.53
CA ALA B 150 -13.12 48.82 -20.50
C ALA B 150 -13.33 48.30 -21.91
N SER B 151 -13.62 49.20 -22.84
CA SER B 151 -13.81 48.79 -24.23
C SER B 151 -12.68 47.86 -24.62
N ILE B 152 -11.48 48.17 -24.15
CA ILE B 152 -10.30 47.37 -24.44
C ILE B 152 -10.36 46.02 -23.74
N ARG B 153 -10.71 46.05 -22.46
CA ARG B 153 -10.83 44.83 -21.67
C ARG B 153 -11.64 43.77 -22.40
N ASN B 154 -12.94 43.98 -22.51
CA ASN B 154 -13.83 43.02 -23.17
C ASN B 154 -13.57 42.83 -24.67
N ASN B 155 -12.38 43.23 -25.13
CA ASN B 155 -12.00 43.12 -26.53
C ASN B 155 -13.12 43.56 -27.46
N THR B 156 -13.26 44.86 -27.60
CA THR B 156 -14.27 45.49 -28.46
C THR B 156 -13.71 46.82 -28.98
N TYR B 157 -12.58 47.23 -28.41
CA TYR B 157 -11.93 48.47 -28.81
C TYR B 157 -11.65 48.46 -30.31
N ASP B 158 -12.25 49.40 -31.03
CA ASP B 158 -12.09 49.51 -32.47
C ASP B 158 -11.15 50.65 -32.84
N HIS B 159 -9.85 50.43 -32.65
CA HIS B 159 -8.84 51.44 -32.92
C HIS B 159 -9.25 52.48 -33.96
N SER B 160 -9.73 52.03 -35.12
CA SER B 160 -10.14 52.91 -36.21
C SER B 160 -10.92 54.13 -35.74
N ARG B 161 -12.02 53.92 -35.05
CA ARG B 161 -12.84 55.01 -34.56
C ARG B 161 -11.99 56.13 -33.95
N TYR B 162 -10.86 55.76 -33.35
CA TYR B 162 -9.98 56.74 -32.73
C TYR B 162 -8.60 56.75 -33.38
N ARG B 163 -8.48 56.08 -34.52
CA ARG B 163 -7.21 55.98 -35.27
C ARG B 163 -6.54 57.32 -35.51
N GLU B 164 -7.19 58.16 -36.32
CA GLU B 164 -6.67 59.48 -36.65
C GLU B 164 -6.48 60.25 -35.34
N GLU B 165 -7.50 60.19 -34.51
CA GLU B 165 -7.50 60.84 -33.21
C GLU B 165 -6.50 60.14 -32.31
N ALA B 166 -5.35 59.79 -32.89
CA ALA B 166 -4.28 59.12 -32.17
C ALA B 166 -3.00 59.06 -33.01
C1 NDG C . 12.06 -1.46 10.62
C2 NDG C . 10.73 -1.56 11.31
C3 NDG C . 10.91 -1.19 12.78
C4 NDG C . 12.16 -1.85 13.44
C5 NDG C . 13.36 -2.04 12.52
C6 NDG C . 14.26 -3.15 13.02
C7 NDG C . 9.38 -0.86 9.43
C8 NDG C . 9.91 0.10 8.38
O5 NDG C . 12.96 -2.42 11.20
O3 NDG C . 9.75 -1.59 13.49
O4 NDG C . 12.58 -1.02 14.52
O6 NDG C . 13.51 -4.32 13.32
O7 NDG C . 8.62 -1.77 9.09
N2 NDG C . 9.76 -0.66 10.69
O1 NDG C . 12.61 -0.20 10.81
C1 MAN D . 10.70 -1.81 16.47
C2 MAN D . 10.72 -1.53 17.96
C3 MAN D . 9.38 -0.91 18.35
C4 MAN D . 9.15 0.36 17.53
C5 MAN D . 9.23 0.02 16.05
C6 MAN D . 9.06 1.21 15.13
O1 MAN D . 11.93 -2.35 16.10
O2 MAN D . 11.76 -0.61 18.22
O3 MAN D . 9.38 -0.63 19.74
O4 MAN D . 7.89 0.94 17.85
O5 MAN D . 10.50 -0.58 15.75
O6 MAN D . 9.83 2.31 15.58
C1 MAN E . 7.87 4.97 16.94
C2 MAN E . 6.96 3.78 17.25
C3 MAN E . 5.49 4.18 16.97
C4 MAN E . 5.14 5.42 17.78
C5 MAN E . 6.13 6.55 17.46
C6 MAN E . 5.89 7.79 18.28
O1 MAN E . 7.75 5.31 15.60
O2 MAN E . 7.10 3.42 18.61
O3 MAN E . 4.63 3.11 17.30
O4 MAN E . 3.81 5.84 17.46
O5 MAN E . 7.48 6.10 17.74
O6 MAN E . 5.70 7.48 19.65
C1 MAN F . 5.29 1.59 19.61
C2 MAN F . 5.44 0.80 20.91
C3 MAN F . 6.22 -0.50 20.66
C4 MAN F . 5.62 -1.29 19.49
C5 MAN F . 5.46 -0.39 18.26
C6 MAN F . 4.77 -1.08 17.10
O1 MAN F . 4.47 2.69 19.81
O2 MAN F . 4.15 0.50 21.46
O3 MAN F . 6.18 -1.31 21.83
O4 MAN F . 6.46 -2.38 19.18
O5 MAN F . 4.68 0.78 18.59
O6 MAN F . 4.37 -2.41 17.45
C1 MAN G . 6.31 -1.80 24.52
C2 MAN G . 6.02 -3.30 24.41
C3 MAN G . 4.77 -3.55 23.55
C4 MAN G . 3.60 -2.68 24.03
C5 MAN G . 4.03 -1.22 24.05
C6 MAN G . 2.93 -0.28 24.51
O1 MAN G . 7.32 -1.58 25.46
O2 MAN G . 5.83 -3.86 25.70
O3 MAN G . 4.41 -4.92 23.63
O4 MAN G . 2.49 -2.84 23.17
O5 MAN G . 5.15 -1.06 24.95
O6 MAN G . 2.25 -0.81 25.64
C1 MAN H . 12.40 0.53 20.45
C2 MAN H . 13.18 -0.75 20.79
C3 MAN H . 14.24 -0.42 21.84
C4 MAN H . 15.14 0.70 21.34
C5 MAN H . 14.30 1.92 20.88
C6 MAN H . 15.14 2.99 20.22
O1 MAN H . 11.82 1.05 21.59
O2 MAN H . 13.80 -1.25 19.62
O3 MAN H . 15.02 -1.58 22.11
O4 MAN H . 16.02 1.10 22.39
O5 MAN H . 13.30 1.51 19.92
O6 MAN H . 15.05 2.91 18.79
C1 NAG I . -4.36 27.94 -2.07
C2 NAG I . -5.51 27.93 -1.07
C3 NAG I . -6.11 26.52 -1.03
C4 NAG I . -6.49 26.04 -2.44
C5 NAG I . -5.31 26.21 -3.41
C6 NAG I . -5.68 25.90 -4.84
C7 NAG I . -4.50 29.51 0.45
C8 NAG I . -3.58 29.66 1.66
N2 NAG I . -5.06 28.32 0.25
O1 NAG I . -3.81 29.21 -2.16
O3 NAG I . -7.26 26.52 -0.20
O4 NAG I . -6.90 24.68 -2.40
O5 NAG I . -4.83 27.57 -3.38
O6 NAG I . -6.99 26.37 -5.14
O7 NAG I . -4.67 30.47 -0.30
C1 NAG J . 15.22 -5.07 6.80
C2 NAG J . 15.28 -5.09 8.33
C3 NAG J . 14.04 -4.46 8.92
C4 NAG J . 13.83 -3.08 8.29
C5 NAG J . 13.78 -3.19 6.79
C6 NAG J . 13.61 -1.83 6.15
C7 NAG J . 16.54 -7.12 8.57
C8 NAG J . 16.45 -8.65 8.56
N2 NAG J . 15.42 -6.45 8.80
O1 NAG J . 16.43 -5.52 6.29
O3 NAG J . 14.23 -4.33 10.32
O4 NAG J . 12.59 -2.54 8.72
O5 NAG J . 15.02 -3.74 6.33
O6 NAG J . 12.83 -0.97 6.98
O7 NAG J . 17.63 -6.57 8.35
#